data_7OMO
#
_entry.id   7OMO
#
_cell.length_a   49.315
_cell.length_b   139.972
_cell.length_c   50.623
_cell.angle_alpha   90.000
_cell.angle_beta   112.560
_cell.angle_gamma   90.000
#
_symmetry.space_group_name_H-M   'P 1 21 1'
#
loop_
_entity.id
_entity.type
_entity.pdbx_description
1 polymer 'Renilla reniformis luciferase RLuc8-D120A variant'
2 non-polymer 4-[5-azanyl-6-(phenylmethyl)pyrazin-2-yl]phenol
3 non-polymer 'MAGNESIUM ION'
4 non-polymer 'CHLORIDE ION'
5 non-polymer GLYCEROL
6 water water
#
_entity_poly.entity_id   1
_entity_poly.type   'polypeptide(L)'
_entity_poly.pdbx_seq_one_letter_code
;MTSKVYDPEQRKRMITGPQWWARCKQMNVLDSFINYYDSEKHAENAVIFLHGNATSSYLWRHVVPHIEPVARCIIPDLIG
MGKSGKSGNGSYRLLDHYKYLTAWFELLNLPKKIIFVGHAWGAALAFHYAYEHQDRIKAIVHMESVVDVIESWDEWPDIE
EDIALIKSEEGEKMVLENNFFVETVLPSKIMRKLEPEEFAAYLEPFKEKGEVRRPTLSWPREIPLVKGGKPDVVQIVRNY
NAYLRASDDLPKLFIESDPGFFSNAIVEGAKKFPNTEFVKVKGLHFLQEDAPDEMGKYIKSFVERVLKNEQHHHHHH
;
_entity_poly.pdbx_strand_id   A,B
#
# COMPACT_ATOMS: atom_id res chain seq x y z
N SER A 3 -24.98 8.96 35.28
CA SER A 3 -24.73 8.93 33.85
C SER A 3 -25.53 7.84 33.14
N LYS A 4 -25.98 8.13 31.93
CA LYS A 4 -26.70 7.15 31.14
C LYS A 4 -25.77 5.99 30.76
N VAL A 5 -26.36 4.80 30.66
CA VAL A 5 -25.69 3.65 30.08
C VAL A 5 -26.36 3.36 28.73
N TYR A 6 -25.62 2.70 27.84
CA TYR A 6 -26.02 2.71 26.43
C TYR A 6 -26.33 1.33 25.86
N ASP A 7 -25.41 0.39 25.93
CA ASP A 7 -25.45 -0.81 25.10
C ASP A 7 -25.35 -2.03 26.01
N PRO A 8 -26.45 -2.74 26.25
CA PRO A 8 -26.37 -3.97 27.06
C PRO A 8 -25.32 -4.97 26.58
N GLU A 9 -25.14 -5.11 25.25
CA GLU A 9 -24.16 -6.07 24.77
C GLU A 9 -22.74 -5.60 25.10
N GLN A 10 -22.47 -4.30 24.93
CA GLN A 10 -21.14 -3.81 25.25
C GLN A 10 -20.89 -3.89 26.76
N ARG A 11 -21.90 -3.58 27.56
CA ARG A 11 -21.72 -3.66 29.01
C ARG A 11 -21.45 -5.10 29.46
N LYS A 12 -22.01 -6.08 28.75
CA LYS A 12 -21.78 -7.47 29.08
C LYS A 12 -20.31 -7.86 28.95
N ARG A 13 -19.60 -7.28 28.00
CA ARG A 13 -18.19 -7.62 27.80
C ARG A 13 -17.24 -6.49 28.19
N MET A 14 -17.76 -5.41 28.75
CA MET A 14 -16.97 -4.24 29.10
C MET A 14 -15.82 -4.59 30.04
N ILE A 15 -14.69 -3.92 29.83
CA ILE A 15 -13.55 -3.97 30.73
C ILE A 15 -13.39 -2.58 31.31
N THR A 16 -13.62 -2.44 32.62
CA THR A 16 -13.50 -1.13 33.23
C THR A 16 -12.02 -0.77 33.39
N GLY A 17 -11.77 0.50 33.75
CA GLY A 17 -10.43 0.94 34.09
C GLY A 17 -9.78 0.04 35.12
N PRO A 18 -10.43 -0.13 36.28
CA PRO A 18 -9.85 -1.00 37.30
C PRO A 18 -9.61 -2.43 36.83
N GLN A 19 -10.51 -2.99 36.02
CA GLN A 19 -10.28 -4.35 35.52
C GLN A 19 -9.06 -4.40 34.61
N TRP A 20 -8.87 -3.37 33.79
CA TRP A 20 -7.70 -3.33 32.92
C TRP A 20 -6.42 -3.14 33.73
N TRP A 21 -6.40 -2.17 34.63
CA TRP A 21 -5.19 -1.90 35.41
C TRP A 21 -4.78 -3.10 36.23
N ALA A 22 -5.74 -3.87 36.73
CA ALA A 22 -5.42 -5.06 37.50
C ALA A 22 -4.72 -6.13 36.68
N ARG A 23 -4.78 -6.06 35.35
CA ARG A 23 -4.08 -6.98 34.48
C ARG A 23 -2.70 -6.45 34.07
N CYS A 24 -2.35 -5.25 34.49
CA CYS A 24 -1.11 -4.62 34.07
C CYS A 24 0.02 -4.87 35.07
N LYS A 25 1.23 -4.66 34.58
CA LYS A 25 2.47 -4.67 35.34
C LYS A 25 3.00 -3.25 35.46
N GLN A 26 3.95 -3.07 36.38
CA GLN A 26 4.64 -1.78 36.51
C GLN A 26 6.12 -2.06 36.73
N MET A 27 6.96 -1.15 36.23
N MET A 27 6.95 -1.12 36.27
CA MET A 27 8.39 -1.26 36.48
CA MET A 27 8.40 -1.25 36.38
C MET A 27 9.00 0.14 36.50
C MET A 27 9.00 0.15 36.49
N ASN A 28 10.00 0.31 37.36
CA ASN A 28 10.72 1.57 37.39
C ASN A 28 11.48 1.75 36.09
N VAL A 29 11.46 2.98 35.56
CA VAL A 29 12.14 3.34 34.31
C VAL A 29 12.75 4.70 34.53
N LEU A 30 14.08 4.79 34.41
CA LEU A 30 14.80 6.06 34.64
C LEU A 30 14.39 6.58 36.01
N ASP A 31 13.94 7.83 36.13
CA ASP A 31 13.54 8.44 37.39
C ASP A 31 12.03 8.34 37.63
N SER A 32 11.35 7.42 36.95
CA SER A 32 9.89 7.33 37.09
C SER A 32 9.49 5.86 36.95
N PHE A 33 8.30 5.59 36.39
CA PHE A 33 7.89 4.21 36.16
C PHE A 33 6.89 4.17 35.02
N ILE A 34 6.73 2.98 34.46
CA ILE A 34 5.81 2.75 33.36
C ILE A 34 4.83 1.66 33.81
N ASN A 35 3.53 1.91 33.61
CA ASN A 35 2.50 0.90 33.70
C ASN A 35 2.29 0.32 32.32
N TYR A 36 2.14 -1.01 32.22
CA TYR A 36 2.03 -1.62 30.90
C TYR A 36 1.36 -2.99 31.01
N TYR A 37 0.69 -3.36 29.93
CA TYR A 37 0.15 -4.71 29.78
C TYR A 37 1.16 -5.57 29.04
N ASP A 38 1.36 -6.81 29.50
CA ASP A 38 2.33 -7.73 28.90
C ASP A 38 1.69 -9.11 28.90
N SER A 39 1.38 -9.63 27.72
CA SER A 39 0.76 -10.96 27.64
C SER A 39 1.73 -12.10 27.89
N GLU A 40 3.05 -11.82 27.89
CA GLU A 40 4.11 -12.73 28.32
C GLU A 40 4.40 -13.88 27.36
N LYS A 41 3.37 -14.63 26.97
CA LYS A 41 3.59 -15.87 26.25
C LYS A 41 4.00 -15.60 24.80
N HIS A 42 4.70 -16.58 24.22
CA HIS A 42 5.15 -16.52 22.82
C HIS A 42 6.16 -15.38 22.61
N ALA A 43 7.12 -15.29 23.52
CA ALA A 43 8.05 -14.17 23.58
C ALA A 43 9.16 -14.22 22.54
N GLU A 44 9.18 -15.23 21.67
CA GLU A 44 10.10 -15.19 20.54
C GLU A 44 9.79 -14.01 19.63
N ASN A 45 8.58 -13.47 19.69
CA ASN A 45 8.22 -12.26 19.01
C ASN A 45 7.64 -11.28 20.03
N ALA A 46 7.61 -10.00 19.66
CA ALA A 46 7.01 -8.99 20.52
C ALA A 46 6.26 -8.01 19.63
N VAL A 47 5.00 -7.78 19.96
CA VAL A 47 4.16 -6.80 19.28
C VAL A 47 3.91 -5.69 20.29
N ILE A 48 4.46 -4.51 20.02
CA ILE A 48 4.37 -3.36 20.92
C ILE A 48 3.32 -2.39 20.38
N PHE A 49 2.26 -2.18 21.16
CA PHE A 49 1.13 -1.33 20.77
C PHE A 49 1.28 0.03 21.44
N LEU A 50 1.22 1.11 20.66
CA LEU A 50 1.49 2.46 21.17
C LEU A 50 0.28 3.36 20.91
N HIS A 51 -0.38 3.79 21.98
CA HIS A 51 -1.44 4.80 21.93
C HIS A 51 -0.84 6.17 21.67
N GLY A 52 -1.72 7.16 21.52
CA GLY A 52 -1.34 8.54 21.33
C GLY A 52 -2.01 9.46 22.35
N ASN A 53 -2.25 10.69 21.93
CA ASN A 53 -2.81 11.67 22.84
C ASN A 53 -4.20 11.26 23.31
N ALA A 54 -4.51 11.68 24.55
CA ALA A 54 -5.80 11.53 25.23
C ALA A 54 -6.07 10.13 25.77
N THR A 55 -5.34 9.12 25.30
CA THR A 55 -5.65 7.73 25.63
C THR A 55 -4.54 7.09 26.45
N SER A 56 -4.55 5.76 26.53
CA SER A 56 -3.55 5.01 27.27
C SER A 56 -3.60 3.59 26.72
N SER A 57 -2.90 2.66 27.39
CA SER A 57 -2.94 1.27 26.96
C SER A 57 -4.37 0.74 26.91
N TYR A 58 -5.26 1.30 27.74
CA TYR A 58 -6.66 0.91 27.77
C TYR A 58 -7.31 0.92 26.39
N LEU A 59 -6.84 1.80 25.50
CA LEU A 59 -7.38 1.90 24.14
C LEU A 59 -7.36 0.56 23.42
N TRP A 60 -6.40 -0.30 23.72
CA TRP A 60 -6.17 -1.53 22.98
C TRP A 60 -6.81 -2.74 23.64
N ARG A 61 -7.60 -2.54 24.71
CA ARG A 61 -8.04 -3.66 25.55
C ARG A 61 -8.85 -4.72 24.81
N HIS A 62 -9.65 -4.33 23.82
CA HIS A 62 -10.43 -5.30 23.05
C HIS A 62 -9.73 -5.74 21.77
N VAL A 63 -8.61 -5.12 21.43
CA VAL A 63 -7.86 -5.49 20.24
C VAL A 63 -6.85 -6.59 20.56
N VAL A 64 -6.13 -6.40 21.67
CA VAL A 64 -5.04 -7.32 22.02
C VAL A 64 -5.42 -8.80 22.14
N PRO A 65 -6.62 -9.17 22.63
CA PRO A 65 -6.88 -10.61 22.79
C PRO A 65 -6.77 -11.39 21.50
N HIS A 66 -6.96 -10.74 20.35
CA HIS A 66 -6.86 -11.43 19.07
C HIS A 66 -5.43 -11.77 18.71
N ILE A 67 -4.46 -11.02 19.24
CA ILE A 67 -3.07 -11.14 18.79
C ILE A 67 -2.23 -11.93 19.79
N GLU A 68 -2.63 -11.92 21.06
CA GLU A 68 -1.88 -12.63 22.10
C GLU A 68 -1.55 -14.08 21.81
N PRO A 69 -2.43 -14.88 21.17
CA PRO A 69 -2.07 -16.29 20.92
C PRO A 69 -0.92 -16.48 19.97
N VAL A 70 -0.54 -15.45 19.21
CA VAL A 70 0.48 -15.60 18.19
C VAL A 70 1.82 -15.00 18.59
N ALA A 71 1.85 -14.01 19.48
CA ALA A 71 3.07 -13.35 19.86
C ALA A 71 2.84 -12.59 21.16
N ARG A 72 3.92 -12.42 21.91
CA ARG A 72 3.89 -11.59 23.11
C ARG A 72 3.47 -10.18 22.74
N CYS A 73 2.47 -9.65 23.45
CA CYS A 73 1.93 -8.32 23.22
C CYS A 73 2.24 -7.43 24.42
N ILE A 74 2.81 -6.26 24.16
CA ILE A 74 3.26 -5.37 25.22
C ILE A 74 2.70 -3.98 24.92
N ILE A 75 2.05 -3.38 25.91
CA ILE A 75 1.26 -2.17 25.68
C ILE A 75 1.51 -1.18 26.82
N PRO A 76 2.35 -0.18 26.63
CA PRO A 76 2.64 0.76 27.71
C PRO A 76 1.63 1.90 27.77
N ASP A 77 1.52 2.48 28.97
CA ASP A 77 0.99 3.82 29.12
C ASP A 77 2.18 4.76 28.95
N LEU A 78 2.09 5.68 27.99
CA LEU A 78 3.19 6.62 27.82
C LEU A 78 3.38 7.44 29.10
N ILE A 79 4.61 7.95 29.28
CA ILE A 79 4.93 8.72 30.48
C ILE A 79 3.94 9.87 30.65
N GLY A 80 3.51 10.10 31.89
CA GLY A 80 2.51 11.10 32.20
C GLY A 80 1.10 10.76 31.80
N MET A 81 0.85 9.56 31.27
CA MET A 81 -0.47 9.18 30.77
C MET A 81 -0.87 7.86 31.41
N GLY A 82 -2.16 7.55 31.33
CA GLY A 82 -2.64 6.33 31.97
C GLY A 82 -2.23 6.27 33.43
N LYS A 83 -1.74 5.10 33.84
CA LYS A 83 -1.26 4.86 35.19
C LYS A 83 0.26 4.92 35.29
N SER A 84 0.95 5.35 34.25
CA SER A 84 2.39 5.48 34.35
C SER A 84 2.77 6.63 35.28
N GLY A 85 4.03 6.62 35.69
CA GLY A 85 4.57 7.75 36.43
C GLY A 85 4.68 8.99 35.56
N LYS A 86 5.12 10.07 36.17
CA LYS A 86 5.27 11.36 35.50
C LYS A 86 6.71 11.56 35.02
N SER A 87 6.88 12.46 34.06
N SER A 87 6.86 12.46 34.05
CA SER A 87 8.23 12.75 33.59
CA SER A 87 8.17 12.87 33.60
C SER A 87 8.96 13.60 34.63
C SER A 87 8.93 13.51 34.76
N GLY A 88 10.24 13.27 34.84
CA GLY A 88 11.00 13.83 35.95
C GLY A 88 11.07 15.35 35.94
N ASN A 89 11.09 15.95 34.76
CA ASN A 89 11.16 17.41 34.65
C ASN A 89 9.84 18.04 34.20
N GLY A 90 8.77 17.25 34.11
CA GLY A 90 7.49 17.80 33.70
C GLY A 90 7.35 18.13 32.23
N SER A 91 8.30 17.71 31.40
CA SER A 91 8.27 17.97 29.97
C SER A 91 7.73 16.74 29.26
N TYR A 92 6.91 16.97 28.23
CA TYR A 92 6.16 15.92 27.54
C TYR A 92 6.19 16.11 26.03
N ARG A 93 7.32 16.55 25.50
CA ARG A 93 7.48 16.60 24.06
C ARG A 93 7.69 15.21 23.50
N LEU A 94 7.64 15.10 22.17
CA LEU A 94 7.84 13.79 21.53
C LEU A 94 9.12 13.14 22.02
N LEU A 95 10.21 13.92 22.08
CA LEU A 95 11.49 13.34 22.49
C LEU A 95 11.55 12.96 23.97
N ASP A 96 10.74 13.61 24.83
CA ASP A 96 10.61 13.17 26.22
C ASP A 96 9.93 11.81 26.28
N HIS A 97 8.83 11.65 25.54
CA HIS A 97 8.17 10.35 25.48
C HIS A 97 9.12 9.30 24.95
N TYR A 98 9.90 9.65 23.92
CA TYR A 98 10.83 8.71 23.32
C TYR A 98 11.92 8.29 24.30
N LYS A 99 12.39 9.23 25.14
CA LYS A 99 13.39 8.91 26.15
C LYS A 99 12.90 7.83 27.10
N TYR A 100 11.68 7.99 27.64
CA TYR A 100 11.15 7.01 28.57
C TYR A 100 10.80 5.72 27.86
N LEU A 101 10.24 5.82 26.65
CA LEU A 101 9.85 4.61 25.92
C LEU A 101 11.05 3.72 25.63
N THR A 102 12.15 4.31 25.10
CA THR A 102 13.31 3.49 24.75
C THR A 102 13.99 2.93 25.99
N ALA A 103 14.02 3.68 27.08
CA ALA A 103 14.58 3.14 28.33
C ALA A 103 13.74 1.96 28.81
N TRP A 104 12.43 2.03 28.65
CA TRP A 104 11.56 0.92 29.00
C TRP A 104 11.82 -0.29 28.11
N PHE A 105 11.97 -0.09 26.80
CA PHE A 105 12.28 -1.21 25.90
C PHE A 105 13.48 -2.00 26.39
N GLU A 106 14.51 -1.30 26.91
CA GLU A 106 15.74 -1.97 27.31
C GLU A 106 15.54 -2.92 28.47
N LEU A 107 14.41 -2.85 29.16
CA LEU A 107 14.13 -3.67 30.33
C LEU A 107 13.20 -4.84 30.03
N LEU A 108 12.75 -5.01 28.79
CA LEU A 108 11.67 -5.93 28.47
C LEU A 108 12.14 -7.28 27.91
N ASN A 109 13.43 -7.47 27.70
N ASN A 109 13.44 -7.46 27.70
CA ASN A 109 13.95 -8.70 27.09
CA ASN A 109 13.97 -8.68 27.08
C ASN A 109 13.33 -8.93 25.71
C ASN A 109 13.32 -8.93 25.72
N LEU A 110 13.45 -7.92 24.86
CA LEU A 110 12.84 -7.96 23.54
C LEU A 110 13.66 -8.81 22.58
N PRO A 111 13.00 -9.35 21.55
CA PRO A 111 13.74 -10.03 20.47
C PRO A 111 14.48 -9.00 19.63
N LYS A 112 15.33 -9.50 18.73
CA LYS A 112 16.08 -8.61 17.86
C LYS A 112 15.14 -7.78 16.98
N LYS A 113 14.13 -8.42 16.40
CA LYS A 113 13.22 -7.75 15.46
C LYS A 113 11.83 -7.67 16.11
N ILE A 114 11.33 -6.45 16.22
CA ILE A 114 10.09 -6.14 16.94
C ILE A 114 9.00 -5.75 15.95
N ILE A 115 7.76 -6.06 16.29
CA ILE A 115 6.59 -5.62 15.52
C ILE A 115 5.95 -4.47 16.28
N PHE A 116 5.66 -3.37 15.58
CA PHE A 116 5.00 -2.21 16.19
C PHE A 116 3.60 -2.04 15.64
N VAL A 117 2.69 -1.66 16.52
CA VAL A 117 1.32 -1.28 16.15
C VAL A 117 1.11 0.11 16.73
N GLY A 118 0.96 1.11 15.88
CA GLY A 118 0.92 2.49 16.31
C GLY A 118 -0.34 3.21 15.88
N HIS A 119 -0.88 4.01 16.79
CA HIS A 119 -2.01 4.87 16.52
C HIS A 119 -1.59 6.33 16.74
N ALA A 120 -1.81 7.19 15.76
CA ALA A 120 -1.64 8.64 15.93
C ALA A 120 -0.22 8.96 16.40
N TRP A 121 -0.04 9.68 17.51
CA TRP A 121 1.31 9.99 17.96
C TRP A 121 2.08 8.75 18.34
N GLY A 122 1.38 7.68 18.74
CA GLY A 122 2.06 6.41 18.99
C GLY A 122 2.73 5.87 17.74
N ALA A 123 2.12 6.09 16.58
CA ALA A 123 2.78 5.71 15.34
C ALA A 123 4.03 6.56 15.08
N ALA A 124 3.97 7.86 15.38
CA ALA A 124 5.18 8.68 15.25
C ALA A 124 6.32 8.12 16.09
N LEU A 125 6.02 7.71 17.33
CA LEU A 125 7.05 7.14 18.19
C LEU A 125 7.64 5.87 17.59
N ALA A 126 6.78 4.99 17.07
CA ALA A 126 7.25 3.78 16.40
C ALA A 126 8.10 4.10 15.18
N PHE A 127 7.64 5.06 14.37
CA PHE A 127 8.36 5.40 13.13
C PHE A 127 9.73 5.99 13.46
N HIS A 128 9.81 6.85 14.49
CA HIS A 128 11.09 7.43 14.86
C HIS A 128 12.01 6.37 15.43
N TYR A 129 11.48 5.48 16.28
CA TYR A 129 12.28 4.35 16.76
C TYR A 129 12.82 3.54 15.59
N ALA A 130 11.97 3.25 14.61
CA ALA A 130 12.40 2.47 13.47
C ALA A 130 13.51 3.18 12.70
N TYR A 131 13.36 4.49 12.46
CA TYR A 131 14.38 5.22 11.73
C TYR A 131 15.74 5.11 12.42
N GLU A 132 15.74 5.15 13.76
CA GLU A 132 16.97 5.11 14.53
C GLU A 132 17.45 3.70 14.85
N HIS A 133 16.65 2.68 14.55
CA HIS A 133 16.98 1.29 14.88
C HIS A 133 16.50 0.42 13.72
N GLN A 134 17.07 0.65 12.54
CA GLN A 134 16.49 0.06 11.34
C GLN A 134 16.66 -1.45 11.29
N ASP A 135 17.58 -1.99 12.10
CA ASP A 135 17.80 -3.42 12.18
C ASP A 135 16.94 -4.09 13.24
N ARG A 136 16.04 -3.36 13.90
CA ARG A 136 15.26 -3.92 15.00
C ARG A 136 13.78 -4.05 14.67
N ILE A 137 13.41 -3.94 13.40
CA ILE A 137 12.01 -3.81 13.01
C ILE A 137 11.60 -5.00 12.14
N LYS A 138 10.62 -5.78 12.61
CA LYS A 138 10.09 -6.89 11.82
C LYS A 138 8.94 -6.46 10.93
N ALA A 139 8.08 -5.56 11.42
CA ALA A 139 6.89 -5.13 10.70
C ALA A 139 6.30 -3.94 11.45
N ILE A 140 5.53 -3.11 10.74
CA ILE A 140 4.83 -1.99 11.36
C ILE A 140 3.37 -1.96 10.91
N VAL A 141 2.46 -1.93 11.88
CA VAL A 141 1.04 -1.63 11.65
C VAL A 141 0.80 -0.20 12.08
N HIS A 142 0.08 0.56 11.26
CA HIS A 142 -0.23 1.94 11.64
C HIS A 142 -1.64 2.31 11.21
N MET A 143 -2.18 3.33 11.89
CA MET A 143 -3.56 3.75 11.68
C MET A 143 -3.71 5.15 12.24
N GLU A 144 -4.48 5.99 11.54
CA GLU A 144 -4.75 7.37 11.96
C GLU A 144 -3.47 8.02 12.47
N SER A 145 -2.43 7.90 11.66
CA SER A 145 -1.05 8.04 12.08
C SER A 145 -0.41 9.31 11.53
N VAL A 146 0.70 9.70 12.14
CA VAL A 146 1.49 10.84 11.70
C VAL A 146 2.47 10.31 10.67
N VAL A 147 2.04 10.29 9.41
CA VAL A 147 2.85 9.66 8.37
C VAL A 147 3.85 10.63 7.73
N ASP A 148 3.59 11.93 7.78
CA ASP A 148 4.40 12.91 7.07
C ASP A 148 4.14 14.27 7.69
N VAL A 149 4.92 15.26 7.25
CA VAL A 149 4.62 16.63 7.61
C VAL A 149 3.26 17.01 7.04
N ILE A 150 2.69 18.08 7.58
CA ILE A 150 1.32 18.45 7.29
C ILE A 150 1.32 19.81 6.59
N GLU A 151 0.87 19.83 5.33
CA GLU A 151 0.89 21.03 4.52
C GLU A 151 -0.50 21.63 4.38
N SER A 152 -1.41 20.92 3.72
CA SER A 152 -2.78 21.39 3.54
C SER A 152 -3.70 20.19 3.51
N TRP A 153 -4.47 19.99 4.58
CA TRP A 153 -5.42 18.89 4.67
C TRP A 153 -6.77 19.39 4.18
N ASP A 154 -7.30 18.74 3.14
CA ASP A 154 -8.46 19.26 2.42
C ASP A 154 -9.66 19.44 3.33
N GLU A 155 -9.92 18.48 4.22
CA GLU A 155 -11.07 18.54 5.11
C GLU A 155 -10.76 19.22 6.43
N TRP A 156 -9.57 19.81 6.57
CA TRP A 156 -9.23 20.63 7.73
C TRP A 156 -8.55 21.92 7.26
N PRO A 157 -9.28 22.76 6.51
CA PRO A 157 -8.66 23.98 5.98
C PRO A 157 -8.24 24.97 7.04
N ASP A 158 -8.76 24.86 8.26
CA ASP A 158 -8.44 25.77 9.35
C ASP A 158 -7.42 25.19 10.31
N ILE A 159 -6.73 24.10 9.93
CA ILE A 159 -5.84 23.42 10.87
C ILE A 159 -4.80 24.37 11.43
N GLU A 160 -4.27 25.27 10.60
CA GLU A 160 -3.23 26.18 11.08
C GLU A 160 -3.78 27.12 12.14
N GLU A 161 -4.99 27.64 11.95
CA GLU A 161 -5.59 28.51 12.94
C GLU A 161 -5.96 27.75 14.20
N ASP A 162 -6.47 26.52 14.05
CA ASP A 162 -6.82 25.72 15.23
C ASP A 162 -5.59 25.37 16.03
N ILE A 163 -4.47 25.08 15.36
CA ILE A 163 -3.23 24.77 16.07
C ILE A 163 -2.67 26.03 16.71
N ALA A 164 -2.77 27.18 16.02
CA ALA A 164 -2.34 28.43 16.62
C ALA A 164 -3.08 28.72 17.91
N LEU A 165 -4.39 28.43 17.95
CA LEU A 165 -5.14 28.59 19.20
C LEU A 165 -4.60 27.68 20.28
N ILE A 166 -4.36 26.41 19.95
CA ILE A 166 -3.86 25.46 20.95
C ILE A 166 -2.47 25.85 21.42
N LYS A 167 -1.67 26.45 20.55
CA LYS A 167 -0.33 26.89 20.92
C LYS A 167 -0.34 28.17 21.74
N SER A 168 -1.45 28.90 21.75
CA SER A 168 -1.54 30.15 22.48
C SER A 168 -1.91 29.89 23.94
N GLU A 169 -1.89 30.96 24.74
CA GLU A 169 -2.28 30.84 26.14
C GLU A 169 -3.72 30.37 26.30
N GLU A 170 -4.58 30.68 25.32
CA GLU A 170 -5.95 30.17 25.35
C GLU A 170 -5.98 28.65 25.27
N GLY A 171 -5.09 28.07 24.47
CA GLY A 171 -5.02 26.62 24.41
C GLY A 171 -4.70 26.01 25.77
N GLU A 172 -3.85 26.68 26.54
CA GLU A 172 -3.55 26.24 27.90
C GLU A 172 -4.81 26.17 28.75
N LYS A 173 -5.65 27.20 28.66
CA LYS A 173 -6.91 27.17 29.41
C LYS A 173 -7.82 26.07 28.91
N MET A 174 -7.93 25.92 27.58
CA MET A 174 -8.79 24.87 27.03
C MET A 174 -8.42 23.50 27.57
N VAL A 175 -7.13 23.22 27.68
CA VAL A 175 -6.68 21.89 28.04
C VAL A 175 -6.50 21.76 29.55
N LEU A 176 -5.68 22.62 30.16
CA LEU A 176 -5.37 22.46 31.57
C LEU A 176 -6.60 22.71 32.45
N GLU A 177 -7.41 23.70 32.09
CA GLU A 177 -8.60 24.00 32.90
C GLU A 177 -9.82 23.19 32.46
N ASN A 178 -10.04 23.04 31.15
CA ASN A 178 -11.27 22.44 30.64
C ASN A 178 -11.11 21.05 30.06
N ASN A 179 -9.90 20.51 30.00
CA ASN A 179 -9.67 19.11 29.60
C ASN A 179 -10.15 18.83 28.17
N PHE A 180 -9.88 19.77 27.27
CA PHE A 180 -10.47 19.77 25.93
C PHE A 180 -10.24 18.45 25.19
N PHE A 181 -9.04 17.88 25.27
CA PHE A 181 -8.79 16.69 24.45
C PHE A 181 -9.47 15.44 24.99
N VAL A 182 -9.56 15.30 26.31
CA VAL A 182 -10.21 14.13 26.88
C VAL A 182 -11.72 14.30 26.91
N GLU A 183 -12.21 15.50 27.24
CA GLU A 183 -13.64 15.69 27.44
C GLU A 183 -14.40 16.01 26.17
N THR A 184 -13.74 16.60 25.16
CA THR A 184 -14.41 17.00 23.94
C THR A 184 -13.91 16.23 22.72
N VAL A 185 -12.61 16.24 22.45
CA VAL A 185 -12.11 15.63 21.22
C VAL A 185 -12.31 14.12 21.25
N LEU A 186 -11.92 13.48 22.35
CA LEU A 186 -12.00 12.03 22.47
C LEU A 186 -13.40 11.49 22.18
N PRO A 187 -14.46 11.90 22.91
CA PRO A 187 -15.78 11.36 22.55
C PRO A 187 -16.27 11.80 21.18
N SER A 188 -15.89 12.98 20.71
CA SER A 188 -16.32 13.42 19.39
C SER A 188 -15.76 12.55 18.28
N LYS A 189 -14.64 11.85 18.52
CA LYS A 189 -14.00 11.07 17.47
C LYS A 189 -14.07 9.56 17.74
N ILE A 190 -15.11 9.16 18.46
CA ILE A 190 -15.57 7.78 18.56
C ILE A 190 -17.00 7.79 18.05
N MET A 191 -17.34 6.84 17.18
CA MET A 191 -18.69 6.84 16.61
C MET A 191 -19.73 6.43 17.64
N ARG A 192 -19.47 5.34 18.37
CA ARG A 192 -20.38 4.91 19.41
C ARG A 192 -20.26 5.82 20.62
N LYS A 193 -21.19 5.65 21.56
CA LYS A 193 -21.09 6.27 22.88
C LYS A 193 -20.33 5.33 23.81
N LEU A 194 -19.32 5.85 24.47
CA LEU A 194 -18.63 5.08 25.50
C LEU A 194 -19.56 4.89 26.68
N GLU A 195 -19.51 3.71 27.27
CA GLU A 195 -20.18 3.52 28.55
C GLU A 195 -19.51 4.40 29.61
N PRO A 196 -20.24 4.80 30.66
CA PRO A 196 -19.65 5.69 31.66
C PRO A 196 -18.35 5.16 32.25
N GLU A 197 -18.27 3.85 32.48
CA GLU A 197 -17.07 3.26 33.07
C GLU A 197 -15.91 3.31 32.08
N GLU A 198 -16.19 3.20 30.79
CA GLU A 198 -15.12 3.30 29.80
C GLU A 198 -14.59 4.73 29.71
N PHE A 199 -15.49 5.71 29.63
CA PHE A 199 -15.05 7.10 29.65
C PHE A 199 -14.27 7.41 30.93
N ALA A 200 -14.73 6.86 32.06
CA ALA A 200 -14.05 7.10 33.33
C ALA A 200 -12.61 6.63 33.30
N ALA A 201 -12.32 5.55 32.56
CA ALA A 201 -10.95 5.06 32.48
C ALA A 201 -10.05 6.04 31.73
N TYR A 202 -10.60 6.73 30.74
CA TYR A 202 -9.84 7.75 30.03
C TYR A 202 -9.73 9.03 30.85
N LEU A 203 -10.77 9.36 31.62
CA LEU A 203 -10.73 10.60 32.40
C LEU A 203 -9.82 10.48 33.61
N GLU A 204 -9.71 9.27 34.20
CA GLU A 204 -9.07 9.10 35.50
C GLU A 204 -7.71 9.78 35.62
N PRO A 205 -6.75 9.57 34.71
CA PRO A 205 -5.44 10.22 34.89
C PRO A 205 -5.53 11.73 34.90
N PHE A 206 -6.55 12.29 34.26
CA PHE A 206 -6.68 13.72 34.02
C PHE A 206 -7.89 14.32 34.70
N LYS A 207 -8.38 13.67 35.76
CA LYS A 207 -9.60 14.12 36.41
C LYS A 207 -9.40 15.45 37.13
N GLU A 208 -8.20 15.71 37.67
CA GLU A 208 -7.92 16.96 38.34
C GLU A 208 -7.50 18.04 37.34
N LYS A 209 -7.84 19.28 37.65
CA LYS A 209 -7.47 20.39 36.79
C LYS A 209 -5.98 20.71 36.92
N GLY A 210 -5.45 21.37 35.90
CA GLY A 210 -4.11 21.91 35.98
C GLY A 210 -3.04 21.09 35.30
N GLU A 211 -1.82 21.14 35.87
CA GLU A 211 -0.62 20.67 35.19
C GLU A 211 -0.62 19.17 34.92
N VAL A 212 -1.40 18.38 35.66
CA VAL A 212 -1.48 16.95 35.37
C VAL A 212 -1.93 16.69 33.95
N ARG A 213 -2.65 17.64 33.35
CA ARG A 213 -3.12 17.49 31.97
C ARG A 213 -2.08 17.92 30.93
N ARG A 214 -0.89 18.35 31.36
CA ARG A 214 0.13 18.81 30.41
C ARG A 214 0.38 17.88 29.22
N PRO A 215 0.49 16.55 29.37
CA PRO A 215 0.73 15.73 28.17
C PRO A 215 -0.30 15.93 27.07
N THR A 216 -1.55 16.19 27.43
CA THR A 216 -2.59 16.32 26.41
C THR A 216 -2.55 17.67 25.71
N LEU A 217 -1.83 18.65 26.26
CA LEU A 217 -1.56 19.93 25.61
C LEU A 217 -0.25 19.88 24.82
N SER A 218 0.79 19.25 25.39
CA SER A 218 2.07 19.20 24.69
C SER A 218 1.98 18.41 23.39
N TRP A 219 1.17 17.35 23.36
CA TRP A 219 1.09 16.54 22.14
C TRP A 219 0.63 17.34 20.93
N PRO A 220 -0.52 18.03 20.95
CA PRO A 220 -0.93 18.76 19.74
C PRO A 220 0.04 19.86 19.37
N ARG A 221 0.75 20.43 20.35
CA ARG A 221 1.74 21.46 20.07
C ARG A 221 2.95 20.92 19.34
N GLU A 222 3.14 19.60 19.28
CA GLU A 222 4.21 18.99 18.51
C GLU A 222 3.87 18.80 17.04
N ILE A 223 2.65 19.10 16.61
CA ILE A 223 2.18 18.79 15.26
C ILE A 223 3.16 19.25 14.20
N PRO A 224 3.55 18.38 13.24
CA PRO A 224 4.57 18.77 12.25
C PRO A 224 3.99 19.52 11.06
N LEU A 225 3.40 20.68 11.34
CA LEU A 225 2.97 21.58 10.28
C LEU A 225 4.18 22.15 9.56
N VAL A 226 4.13 22.17 8.22
CA VAL A 226 5.20 22.79 7.46
C VAL A 226 5.35 24.27 7.84
N LYS A 227 4.22 24.96 7.98
CA LYS A 227 4.21 26.35 8.44
C LYS A 227 4.07 26.35 9.96
N GLY A 228 5.19 26.55 10.66
CA GLY A 228 5.16 26.78 12.08
C GLY A 228 5.34 25.56 12.97
N GLY A 229 5.45 24.36 12.40
CA GLY A 229 5.69 23.19 13.22
C GLY A 229 7.03 23.27 13.93
N LYS A 230 7.08 22.68 15.13
CA LYS A 230 8.33 22.62 15.89
C LYS A 230 9.43 22.05 15.00
N PRO A 231 10.52 22.77 14.79
CA PRO A 231 11.52 22.31 13.79
C PRO A 231 12.10 20.94 14.09
N ASP A 232 12.28 20.58 15.36
CA ASP A 232 12.85 19.28 15.67
C ASP A 232 11.88 18.15 15.29
N VAL A 233 10.58 18.35 15.53
CA VAL A 233 9.60 17.33 15.16
C VAL A 233 9.46 17.25 13.65
N VAL A 234 9.41 18.41 12.98
CA VAL A 234 9.34 18.42 11.52
C VAL A 234 10.51 17.63 10.93
N GLN A 235 11.72 17.82 11.46
CA GLN A 235 12.86 17.06 10.96
C GLN A 235 12.74 15.57 11.25
N ILE A 236 12.29 15.23 12.46
CA ILE A 236 12.07 13.82 12.82
C ILE A 236 11.13 13.16 11.82
N VAL A 237 10.02 13.85 11.50
CA VAL A 237 9.00 13.27 10.62
C VAL A 237 9.49 13.21 9.19
N ARG A 238 10.16 14.26 8.71
CA ARG A 238 10.74 14.20 7.36
C ARG A 238 11.72 13.05 7.25
N ASN A 239 12.56 12.86 8.27
CA ASN A 239 13.55 11.79 8.24
C ASN A 239 12.87 10.43 8.21
N TYR A 240 11.91 10.19 9.11
CA TYR A 240 11.33 8.86 9.11
C TYR A 240 10.42 8.63 7.90
N ASN A 241 9.81 9.69 7.35
CA ASN A 241 9.01 9.51 6.16
C ASN A 241 9.85 9.06 4.97
N ALA A 242 11.01 9.68 4.76
CA ALA A 242 11.86 9.25 3.65
C ALA A 242 12.36 7.82 3.86
N TYR A 243 12.68 7.46 5.10
CA TYR A 243 13.06 6.08 5.39
C TYR A 243 11.93 5.13 5.04
N LEU A 244 10.71 5.43 5.50
CA LEU A 244 9.58 4.55 5.21
C LEU A 244 9.30 4.44 3.72
N ARG A 245 9.52 5.52 2.98
CA ARG A 245 9.27 5.49 1.54
C ARG A 245 10.21 4.56 0.78
N ALA A 246 11.38 4.26 1.35
CA ALA A 246 12.33 3.36 0.71
C ALA A 246 12.47 2.02 1.43
N SER A 247 11.54 1.69 2.33
CA SER A 247 11.70 0.49 3.16
C SER A 247 11.00 -0.71 2.52
N ASP A 248 11.49 -1.08 1.34
CA ASP A 248 10.85 -2.11 0.52
C ASP A 248 10.79 -3.47 1.22
N ASP A 249 11.76 -3.75 2.08
N ASP A 249 11.76 -3.76 2.08
CA ASP A 249 11.85 -5.04 2.76
CA ASP A 249 11.82 -5.06 2.74
C ASP A 249 11.21 -5.03 4.15
C ASP A 249 10.98 -5.14 4.01
N LEU A 250 10.39 -4.03 4.45
CA LEU A 250 9.72 -3.94 5.75
C LEU A 250 8.22 -4.10 5.54
N PRO A 251 7.62 -5.22 5.93
CA PRO A 251 6.16 -5.36 5.74
C PRO A 251 5.37 -4.43 6.65
N LYS A 252 4.36 -3.80 6.07
CA LYS A 252 3.52 -2.84 6.75
C LYS A 252 2.06 -3.17 6.54
N LEU A 253 1.25 -2.79 7.52
CA LEU A 253 -0.21 -2.87 7.43
C LEU A 253 -0.76 -1.50 7.78
N PHE A 254 -1.57 -0.94 6.90
CA PHE A 254 -2.25 0.32 7.17
C PHE A 254 -3.73 0.04 7.34
N ILE A 255 -4.28 0.45 8.47
CA ILE A 255 -5.71 0.27 8.76
C ILE A 255 -6.38 1.62 8.56
N GLU A 256 -7.14 1.74 7.47
CA GLU A 256 -7.89 2.95 7.18
C GLU A 256 -9.16 2.96 8.03
N SER A 257 -9.56 4.15 8.47
CA SER A 257 -10.78 4.36 9.25
C SER A 257 -11.81 5.05 8.36
N ASP A 258 -13.03 4.52 8.36
CA ASP A 258 -14.10 4.99 7.47
C ASP A 258 -15.30 5.43 8.30
N PRO A 259 -15.64 6.73 8.32
CA PRO A 259 -15.05 7.81 7.50
C PRO A 259 -13.71 8.37 7.98
N GLY A 260 -13.32 8.06 9.22
CA GLY A 260 -12.03 8.48 9.75
C GLY A 260 -11.98 9.92 10.24
N PHE A 261 -10.78 10.33 10.69
CA PHE A 261 -10.50 11.70 11.10
C PHE A 261 -9.26 12.22 10.37
N PHE A 262 -8.11 11.60 10.62
CA PHE A 262 -6.91 11.82 9.81
C PHE A 262 -6.93 11.06 8.50
N SER A 263 -7.68 9.95 8.42
CA SER A 263 -7.50 8.95 7.36
C SER A 263 -7.59 9.56 5.97
N ASN A 264 -8.60 10.41 5.73
CA ASN A 264 -8.76 11.04 4.43
C ASN A 264 -7.48 11.74 3.97
N ALA A 265 -6.82 12.47 4.88
CA ALA A 265 -5.65 13.24 4.49
C ALA A 265 -4.39 12.40 4.36
N ILE A 266 -4.27 11.32 5.12
CA ILE A 266 -3.01 10.58 5.22
C ILE A 266 -2.98 9.30 4.38
N VAL A 267 -4.09 8.86 3.81
CA VAL A 267 -4.07 7.58 3.10
C VAL A 267 -3.13 7.62 1.91
N GLU A 268 -3.13 8.74 1.17
CA GLU A 268 -2.18 8.92 0.06
C GLU A 268 -0.75 8.77 0.56
N GLY A 269 -0.44 9.41 1.69
CA GLY A 269 0.90 9.31 2.24
C GLY A 269 1.26 7.90 2.66
N ALA A 270 0.31 7.18 3.25
CA ALA A 270 0.57 5.79 3.62
C ALA A 270 0.80 4.91 2.41
N LYS A 271 0.11 5.20 1.29
CA LYS A 271 0.29 4.44 0.05
C LYS A 271 1.64 4.68 -0.59
N LYS A 272 2.38 5.71 -0.18
CA LYS A 272 3.71 5.94 -0.70
C LYS A 272 4.77 5.07 -0.04
N PHE A 273 4.42 4.30 0.99
CA PHE A 273 5.38 3.40 1.62
C PHE A 273 5.27 2.02 0.98
N PRO A 274 6.33 1.50 0.37
CA PRO A 274 6.24 0.18 -0.27
C PRO A 274 5.93 -0.92 0.73
N ASN A 275 5.46 -2.05 0.21
CA ASN A 275 5.21 -3.24 1.02
C ASN A 275 4.15 -2.98 2.09
N THR A 276 3.06 -2.33 1.69
CA THR A 276 1.94 -2.07 2.59
C THR A 276 0.71 -2.83 2.15
N GLU A 277 0.11 -3.55 3.08
CA GLU A 277 -1.21 -4.14 2.93
C GLU A 277 -2.24 -3.16 3.48
N PHE A 278 -3.37 -3.04 2.80
CA PHE A 278 -4.37 -2.05 3.14
C PHE A 278 -5.65 -2.74 3.56
N VAL A 279 -6.14 -2.40 4.76
CA VAL A 279 -7.46 -2.81 5.22
C VAL A 279 -8.23 -1.59 5.69
N LYS A 280 -9.53 -1.78 5.93
CA LYS A 280 -10.40 -0.67 6.27
C LYS A 280 -11.44 -1.13 7.28
N VAL A 281 -11.67 -0.30 8.31
CA VAL A 281 -12.68 -0.56 9.32
C VAL A 281 -13.51 0.70 9.53
N LYS A 282 -14.67 0.52 10.15
CA LYS A 282 -15.50 1.67 10.47
C LYS A 282 -14.92 2.41 11.67
N GLY A 283 -15.00 3.73 11.64
CA GLY A 283 -14.52 4.51 12.76
C GLY A 283 -14.27 5.95 12.39
N LEU A 284 -13.92 6.72 13.43
CA LEU A 284 -13.46 8.08 13.26
C LEU A 284 -11.96 8.12 13.59
N HIS A 285 -11.56 8.77 14.68
CA HIS A 285 -10.13 8.76 15.01
C HIS A 285 -9.76 7.58 15.89
N PHE A 286 -10.50 7.38 16.99
CA PHE A 286 -10.17 6.34 17.96
C PHE A 286 -10.86 5.04 17.57
N LEU A 287 -10.44 4.53 16.40
CA LEU A 287 -11.14 3.44 15.72
C LEU A 287 -11.15 2.13 16.52
N GLN A 288 -10.23 1.97 17.48
CA GLN A 288 -10.25 0.81 18.37
C GLN A 288 -11.56 0.72 19.14
N GLU A 289 -12.23 1.85 19.36
CA GLU A 289 -13.47 1.84 20.10
C GLU A 289 -14.68 1.50 19.24
N ASP A 290 -14.53 1.50 17.91
CA ASP A 290 -15.63 1.22 17.01
C ASP A 290 -15.48 -0.11 16.28
N ALA A 291 -14.27 -0.59 16.06
CA ALA A 291 -14.09 -1.85 15.37
C ALA A 291 -12.93 -2.67 15.95
N PRO A 292 -12.90 -2.92 17.26
CA PRO A 292 -11.73 -3.60 17.83
C PRO A 292 -11.56 -5.03 17.34
N ASP A 293 -12.66 -5.76 17.12
CA ASP A 293 -12.48 -7.15 16.74
C ASP A 293 -12.07 -7.28 15.28
N GLU A 294 -12.65 -6.47 14.39
CA GLU A 294 -12.19 -6.47 13.02
C GLU A 294 -10.72 -6.07 12.96
N MET A 295 -10.32 -5.06 13.72
N MET A 295 -10.32 -5.06 13.72
CA MET A 295 -8.92 -4.65 13.74
CA MET A 295 -8.92 -4.64 13.74
C MET A 295 -8.04 -5.76 14.27
C MET A 295 -8.03 -5.75 14.28
N GLY A 296 -8.44 -6.38 15.39
CA GLY A 296 -7.64 -7.45 15.96
C GLY A 296 -7.45 -8.61 15.01
N LYS A 297 -8.51 -8.97 14.28
CA LYS A 297 -8.40 -10.08 13.33
C LYS A 297 -7.50 -9.72 12.15
N TYR A 298 -7.59 -8.48 11.65
CA TYR A 298 -6.69 -8.06 10.56
C TYR A 298 -5.24 -8.07 11.02
N ILE A 299 -4.98 -7.56 12.22
CA ILE A 299 -3.60 -7.55 12.71
C ILE A 299 -3.10 -8.97 12.92
N LYS A 300 -3.94 -9.85 13.49
CA LYS A 300 -3.51 -11.23 13.71
C LYS A 300 -3.12 -11.91 12.40
N SER A 301 -3.95 -11.74 11.37
N SER A 301 -3.97 -11.76 11.38
CA SER A 301 -3.65 -12.36 10.07
CA SER A 301 -3.68 -12.33 10.07
C SER A 301 -2.38 -11.79 9.47
C SER A 301 -2.37 -11.79 9.51
N PHE A 302 -2.17 -10.47 9.61
CA PHE A 302 -0.95 -9.85 9.10
C PHE A 302 0.28 -10.38 9.83
N VAL A 303 0.24 -10.45 11.16
CA VAL A 303 1.37 -10.96 11.93
C VAL A 303 1.65 -12.42 11.55
N GLU A 304 0.59 -13.24 11.44
CA GLU A 304 0.78 -14.64 11.06
C GLU A 304 1.47 -14.75 9.71
N ARG A 305 1.05 -13.93 8.74
CA ARG A 305 1.68 -13.97 7.42
C ARG A 305 3.14 -13.54 7.50
N VAL A 306 3.43 -12.48 8.27
CA VAL A 306 4.81 -12.02 8.42
C VAL A 306 5.67 -13.12 9.03
N LEU A 307 5.16 -13.82 10.03
CA LEU A 307 5.92 -14.89 10.67
C LEU A 307 6.10 -16.09 9.75
N LYS A 308 5.12 -16.37 8.89
CA LYS A 308 5.27 -17.48 7.96
C LYS A 308 6.32 -17.16 6.90
N ASN A 309 6.35 -15.92 6.40
CA ASN A 309 7.24 -15.57 5.29
C ASN A 309 8.69 -15.52 5.72
N GLU A 310 8.97 -15.13 6.97
CA GLU A 310 10.35 -15.01 7.43
C GLU A 310 11.02 -16.38 7.57
N ARG B 11 -14.63 11.68 -12.13
CA ARG B 11 -15.86 11.17 -12.74
C ARG B 11 -16.19 11.93 -14.01
N LYS B 12 -15.75 13.19 -14.07
CA LYS B 12 -15.99 14.00 -15.26
C LYS B 12 -15.23 13.47 -16.47
N ARG B 13 -14.00 13.04 -16.28
CA ARG B 13 -13.17 12.48 -17.32
C ARG B 13 -13.34 10.96 -17.45
N MET B 14 -14.14 10.36 -16.57
CA MET B 14 -14.22 8.91 -16.50
C MET B 14 -14.69 8.30 -17.82
N ILE B 15 -14.10 7.17 -18.18
CA ILE B 15 -14.47 6.36 -19.33
C ILE B 15 -14.95 5.02 -18.78
N THR B 16 -16.25 4.74 -18.89
CA THR B 16 -16.77 3.49 -18.38
C THR B 16 -16.37 2.35 -19.32
N GLY B 17 -16.59 1.12 -18.86
CA GLY B 17 -16.37 -0.05 -19.67
C GLY B 17 -17.12 0.02 -20.99
N PRO B 18 -18.45 0.15 -20.93
CA PRO B 18 -19.21 0.24 -22.18
C PRO B 18 -18.75 1.36 -23.10
N GLN B 19 -18.36 2.51 -22.56
CA GLN B 19 -17.85 3.59 -23.40
C GLN B 19 -16.57 3.16 -24.12
N TRP B 20 -15.67 2.47 -23.41
CA TRP B 20 -14.45 2.01 -24.03
C TRP B 20 -14.74 0.92 -25.06
N TRP B 21 -15.56 -0.07 -24.69
CA TRP B 21 -15.81 -1.18 -25.60
C TRP B 21 -16.48 -0.71 -26.89
N ALA B 22 -17.30 0.35 -26.83
CA ALA B 22 -17.95 0.85 -28.03
C ALA B 22 -16.96 1.45 -29.00
N ARG B 23 -15.77 1.84 -28.54
CA ARG B 23 -14.73 2.38 -29.41
C ARG B 23 -13.82 1.31 -29.98
N CYS B 24 -14.01 0.04 -29.61
CA CYS B 24 -13.14 -1.05 -30.03
C CYS B 24 -13.66 -1.73 -31.29
N LYS B 25 -12.76 -2.46 -31.94
CA LYS B 25 -13.01 -3.29 -33.11
C LYS B 25 -12.69 -4.73 -32.74
N GLN B 26 -13.08 -5.67 -33.59
CA GLN B 26 -12.73 -7.07 -33.41
C GLN B 26 -12.21 -7.65 -34.71
N MET B 27 -11.35 -8.65 -34.60
N MET B 27 -11.32 -8.63 -34.59
CA MET B 27 -10.83 -9.35 -35.77
CA MET B 27 -10.78 -9.38 -35.71
C MET B 27 -10.72 -10.83 -35.47
C MET B 27 -10.81 -10.87 -35.39
N ASN B 28 -11.24 -11.66 -36.38
CA ASN B 28 -11.09 -13.09 -36.28
C ASN B 28 -9.60 -13.45 -36.31
N VAL B 29 -9.18 -14.28 -35.35
CA VAL B 29 -7.78 -14.64 -35.20
C VAL B 29 -7.73 -16.13 -34.89
N LEU B 30 -7.11 -16.90 -35.80
CA LEU B 30 -7.10 -18.36 -35.67
C LEU B 30 -8.51 -18.92 -35.47
N ASP B 31 -8.72 -19.63 -34.36
CA ASP B 31 -10.00 -20.23 -34.02
C ASP B 31 -10.83 -19.38 -33.06
N SER B 32 -10.49 -18.09 -32.92
CA SER B 32 -11.15 -17.21 -31.98
C SER B 32 -11.15 -15.78 -32.52
N PHE B 33 -11.08 -14.80 -31.64
CA PHE B 33 -11.08 -13.42 -32.08
C PHE B 33 -10.45 -12.53 -31.01
N ILE B 34 -9.99 -11.36 -31.44
CA ILE B 34 -9.37 -10.37 -30.58
C ILE B 34 -10.15 -9.08 -30.64
N ASN B 35 -10.53 -8.55 -29.48
CA ASN B 35 -11.06 -7.21 -29.34
C ASN B 35 -9.91 -6.25 -29.13
N TYR B 36 -9.97 -5.07 -29.76
CA TYR B 36 -8.84 -4.16 -29.67
C TYR B 36 -9.27 -2.74 -29.98
N TYR B 37 -8.50 -1.78 -29.47
CA TYR B 37 -8.65 -0.38 -29.81
C TYR B 37 -7.60 -0.02 -30.86
N ASP B 38 -8.01 0.74 -31.88
CA ASP B 38 -7.11 1.13 -32.97
C ASP B 38 -7.40 2.59 -33.30
N SER B 39 -6.44 3.48 -33.05
CA SER B 39 -6.64 4.89 -33.35
C SER B 39 -6.54 5.19 -34.84
N GLU B 40 -6.01 4.26 -35.64
CA GLU B 40 -6.04 4.29 -37.10
C GLU B 40 -5.12 5.31 -37.77
N LYS B 41 -5.20 6.57 -37.37
CA LYS B 41 -4.47 7.62 -38.06
C LYS B 41 -2.96 7.53 -37.84
N HIS B 42 -2.19 8.06 -38.78
CA HIS B 42 -0.73 8.12 -38.69
C HIS B 42 -0.12 6.72 -38.70
N ALA B 43 -0.60 5.89 -39.63
CA ALA B 43 -0.25 4.47 -39.68
C ALA B 43 1.13 4.18 -40.24
N GLU B 44 1.91 5.20 -40.61
CA GLU B 44 3.29 4.94 -40.96
C GLU B 44 4.08 4.40 -39.78
N ASN B 45 3.57 4.61 -38.56
CA ASN B 45 4.12 4.00 -37.36
C ASN B 45 3.00 3.26 -36.66
N ALA B 46 3.39 2.35 -35.76
CA ALA B 46 2.42 1.64 -34.94
C ALA B 46 2.99 1.50 -33.54
N VAL B 47 2.20 1.91 -32.55
CA VAL B 47 2.55 1.76 -31.15
C VAL B 47 1.56 0.74 -30.59
N ILE B 48 2.06 -0.43 -30.21
CA ILE B 48 1.22 -1.51 -29.70
C ILE B 48 1.38 -1.57 -28.18
N PHE B 49 0.27 -1.37 -27.47
CA PHE B 49 0.24 -1.34 -26.00
C PHE B 49 -0.27 -2.68 -25.49
N LEU B 50 0.48 -3.33 -24.59
CA LEU B 50 0.15 -4.68 -24.11
C LEU B 50 -0.03 -4.67 -22.60
N HIS B 51 -1.26 -4.94 -22.15
CA HIS B 51 -1.58 -5.15 -20.74
C HIS B 51 -1.07 -6.52 -20.29
N GLY B 52 -1.21 -6.79 -18.97
CA GLY B 52 -0.85 -8.05 -18.38
C GLY B 52 -2.01 -8.66 -17.59
N ASN B 53 -1.66 -9.39 -16.54
CA ASN B 53 -2.68 -10.08 -15.79
C ASN B 53 -3.65 -9.10 -15.13
N ALA B 54 -4.91 -9.55 -15.02
CA ALA B 54 -6.04 -8.93 -14.34
C ALA B 54 -6.68 -7.81 -15.14
N THR B 55 -6.04 -7.30 -16.19
CA THR B 55 -6.52 -6.10 -16.87
C THR B 55 -6.89 -6.42 -18.31
N SER B 56 -6.98 -5.37 -19.12
CA SER B 56 -7.35 -5.49 -20.53
C SER B 56 -6.92 -4.21 -21.21
N SER B 57 -7.32 -4.01 -22.47
CA SER B 57 -6.98 -2.77 -23.16
C SER B 57 -7.46 -1.55 -22.39
N TYR B 58 -8.53 -1.70 -21.59
CA TYR B 58 -9.08 -0.61 -20.79
C TYR B 58 -8.03 0.07 -19.92
N LEU B 59 -7.01 -0.68 -19.50
CA LEU B 59 -5.95 -0.14 -18.65
C LEU B 59 -5.29 1.09 -19.25
N TRP B 60 -5.27 1.20 -20.57
CA TRP B 60 -4.54 2.23 -21.29
C TRP B 60 -5.41 3.41 -21.72
N ARG B 61 -6.68 3.42 -21.33
CA ARG B 61 -7.65 4.36 -21.90
C ARG B 61 -7.27 5.83 -21.70
N HIS B 62 -6.61 6.17 -20.60
CA HIS B 62 -6.23 7.56 -20.36
C HIS B 62 -4.80 7.87 -20.77
N VAL B 63 -4.03 6.84 -21.12
CA VAL B 63 -2.67 7.01 -21.60
C VAL B 63 -2.65 7.26 -23.11
N VAL B 64 -3.41 6.44 -23.84
CA VAL B 64 -3.35 6.49 -25.31
C VAL B 64 -3.64 7.84 -25.95
N PRO B 65 -4.56 8.69 -25.44
CA PRO B 65 -4.86 9.93 -26.18
C PRO B 65 -3.66 10.81 -26.39
N HIS B 66 -2.66 10.72 -25.52
CA HIS B 66 -1.46 11.54 -25.66
C HIS B 66 -0.62 11.14 -26.86
N ILE B 67 -0.70 9.87 -27.27
CA ILE B 67 0.20 9.33 -28.29
C ILE B 67 -0.47 9.28 -29.66
N GLU B 68 -1.80 9.21 -29.69
CA GLU B 68 -2.53 9.14 -30.95
C GLU B 68 -2.15 10.21 -31.98
N PRO B 69 -1.89 11.47 -31.62
CA PRO B 69 -1.53 12.45 -32.66
C PRO B 69 -0.23 12.17 -33.38
N VAL B 70 0.66 11.34 -32.81
CA VAL B 70 1.97 11.12 -33.42
C VAL B 70 2.10 9.77 -34.12
N ALA B 71 1.26 8.80 -33.81
CA ALA B 71 1.41 7.46 -34.37
C ALA B 71 0.13 6.69 -34.13
N ARG B 72 -0.13 5.73 -35.02
CA ARG B 72 -1.27 4.84 -34.84
C ARG B 72 -1.04 3.99 -33.60
N CYS B 73 -2.04 3.95 -32.73
CA CYS B 73 -1.99 3.24 -31.45
C CYS B 73 -2.93 2.05 -31.51
N ILE B 74 -2.43 0.87 -31.15
CA ILE B 74 -3.20 -0.37 -31.24
C ILE B 74 -3.11 -1.08 -29.91
N ILE B 75 -4.25 -1.43 -29.33
CA ILE B 75 -4.31 -1.91 -27.95
C ILE B 75 -5.24 -3.11 -27.87
N PRO B 76 -4.72 -4.35 -27.82
CA PRO B 76 -5.57 -5.53 -27.75
C PRO B 76 -5.97 -5.89 -26.32
N ASP B 77 -7.11 -6.56 -26.23
CA ASP B 77 -7.38 -7.45 -25.10
C ASP B 77 -6.74 -8.80 -25.42
N LEU B 78 -5.87 -9.27 -24.54
CA LEU B 78 -5.27 -10.58 -24.75
C LEU B 78 -6.35 -11.66 -24.77
N ILE B 79 -6.03 -12.78 -25.41
CA ILE B 79 -7.00 -13.86 -25.54
C ILE B 79 -7.49 -14.29 -24.16
N GLY B 80 -8.78 -14.58 -24.06
CA GLY B 80 -9.38 -14.93 -22.79
C GLY B 80 -9.59 -13.77 -21.83
N MET B 81 -9.24 -12.55 -22.22
CA MET B 81 -9.29 -11.41 -21.33
C MET B 81 -10.07 -10.30 -22.01
N GLY B 82 -10.46 -9.30 -21.21
CA GLY B 82 -11.29 -8.22 -21.73
C GLY B 82 -12.49 -8.77 -22.47
N LYS B 83 -12.71 -8.24 -23.68
CA LYS B 83 -13.81 -8.65 -24.54
C LYS B 83 -13.37 -9.54 -25.68
N SER B 84 -12.12 -10.02 -25.66
CA SER B 84 -11.66 -10.92 -26.70
C SER B 84 -12.32 -12.29 -26.58
N GLY B 85 -12.17 -13.08 -27.64
CA GLY B 85 -12.58 -14.48 -27.59
C GLY B 85 -11.73 -15.29 -26.64
N LYS B 86 -12.15 -16.53 -26.44
CA LYS B 86 -11.46 -17.47 -25.57
C LYS B 86 -10.52 -18.35 -26.40
N SER B 87 -9.49 -18.89 -25.75
CA SER B 87 -8.58 -19.76 -26.48
C SER B 87 -9.28 -21.08 -26.81
N GLY B 88 -8.89 -21.66 -27.95
CA GLY B 88 -9.60 -22.82 -28.47
C GLY B 88 -9.54 -24.03 -27.55
N ASN B 89 -8.37 -24.25 -26.92
CA ASN B 89 -8.19 -25.39 -26.03
C ASN B 89 -8.26 -25.01 -24.56
N GLY B 90 -8.61 -23.76 -24.24
CA GLY B 90 -8.72 -23.35 -22.86
C GLY B 90 -7.40 -23.13 -22.14
N SER B 91 -6.29 -23.13 -22.86
CA SER B 91 -4.97 -22.93 -22.29
C SER B 91 -4.55 -21.48 -22.43
N TYR B 92 -3.89 -20.95 -21.40
CA TYR B 92 -3.58 -19.53 -21.30
C TYR B 92 -2.17 -19.31 -20.78
N ARG B 93 -1.23 -20.14 -21.23
CA ARG B 93 0.16 -19.93 -20.88
C ARG B 93 0.74 -18.80 -21.74
N LEU B 94 1.95 -18.36 -21.38
CA LEU B 94 2.60 -17.29 -22.14
C LEU B 94 2.61 -17.61 -23.63
N LEU B 95 2.92 -18.85 -24.00
CA LEU B 95 3.02 -19.19 -25.42
C LEU B 95 1.66 -19.27 -26.09
N ASP B 96 0.59 -19.57 -25.33
CA ASP B 96 -0.76 -19.50 -25.89
C ASP B 96 -1.11 -18.05 -26.24
N HIS B 97 -0.85 -17.13 -25.31
CA HIS B 97 -1.07 -15.72 -25.59
C HIS B 97 -0.28 -15.27 -26.80
N TYR B 98 0.99 -15.68 -26.87
CA TYR B 98 1.86 -15.30 -27.96
C TYR B 98 1.35 -15.84 -29.29
N LYS B 99 0.81 -17.05 -29.30
CA LYS B 99 0.25 -17.63 -30.52
C LYS B 99 -0.84 -16.73 -31.09
N TYR B 100 -1.79 -16.32 -30.25
CA TYR B 100 -2.88 -15.48 -30.73
C TYR B 100 -2.40 -14.08 -31.06
N LEU B 101 -1.48 -13.54 -30.27
CA LEU B 101 -1.00 -12.18 -30.51
C LEU B 101 -0.28 -12.08 -31.85
N THR B 102 0.61 -13.05 -32.13
CA THR B 102 1.36 -12.96 -33.38
C THR B 102 0.47 -13.20 -34.59
N ALA B 103 -0.54 -14.07 -34.45
CA ALA B 103 -1.49 -14.25 -35.55
C ALA B 103 -2.29 -12.97 -35.79
N TRP B 104 -2.67 -12.28 -34.71
CA TRP B 104 -3.36 -11.00 -34.83
C TRP B 104 -2.48 -9.95 -35.52
N PHE B 105 -1.19 -9.90 -35.18
CA PHE B 105 -0.27 -8.94 -35.80
C PHE B 105 -0.29 -9.04 -37.31
N GLU B 106 -0.37 -10.27 -37.83
CA GLU B 106 -0.34 -10.48 -39.28
C GLU B 106 -1.47 -9.78 -40.01
N LEU B 107 -2.55 -9.45 -39.32
CA LEU B 107 -3.76 -8.91 -39.94
C LEU B 107 -3.87 -7.39 -39.83
N LEU B 108 -2.91 -6.73 -39.17
CA LEU B 108 -3.03 -5.33 -38.80
C LEU B 108 -2.40 -4.35 -39.77
N ASN B 109 -1.75 -4.82 -40.83
N ASN B 109 -1.75 -4.83 -40.83
CA ASN B 109 -1.05 -3.95 -41.77
CA ASN B 109 -1.03 -3.99 -41.78
C ASN B 109 0.01 -3.10 -41.06
C ASN B 109 -0.01 -3.11 -41.04
N LEU B 110 0.88 -3.78 -40.30
CA LEU B 110 1.87 -3.09 -39.51
C LEU B 110 3.02 -2.57 -40.37
N PRO B 111 3.69 -1.52 -39.93
CA PRO B 111 4.92 -1.09 -40.60
C PRO B 111 6.03 -2.09 -40.33
N LYS B 112 7.16 -1.85 -41.01
CA LYS B 112 8.31 -2.74 -40.83
C LYS B 112 8.81 -2.70 -39.39
N LYS B 113 8.90 -1.51 -38.79
CA LYS B 113 9.45 -1.35 -37.45
C LYS B 113 8.34 -0.85 -36.54
N ILE B 114 8.06 -1.62 -35.48
CA ILE B 114 6.94 -1.39 -34.57
C ILE B 114 7.46 -0.89 -33.23
N ILE B 115 6.68 -0.02 -32.59
CA ILE B 115 6.98 0.44 -31.22
C ILE B 115 6.08 -0.34 -30.26
N PHE B 116 6.67 -0.91 -29.21
CA PHE B 116 5.91 -1.65 -28.21
C PHE B 116 5.91 -0.90 -26.89
N VAL B 117 4.77 -0.92 -26.21
CA VAL B 117 4.62 -0.40 -24.85
C VAL B 117 4.03 -1.53 -24.02
N GLY B 118 4.80 -2.04 -23.08
CA GLY B 118 4.43 -3.26 -22.35
C GLY B 118 4.39 -3.05 -20.85
N HIS B 119 3.37 -3.60 -20.22
CA HIS B 119 3.22 -3.61 -18.77
C HIS B 119 3.20 -5.05 -18.29
N ALA B 120 4.06 -5.38 -17.32
CA ALA B 120 4.00 -6.68 -16.62
C ALA B 120 4.12 -7.82 -17.63
N TRP B 121 3.20 -8.80 -17.62
CA TRP B 121 3.30 -9.89 -18.59
C TRP B 121 3.17 -9.40 -20.02
N GLY B 122 2.50 -8.26 -20.24
CA GLY B 122 2.47 -7.67 -21.58
C GLY B 122 3.85 -7.30 -22.07
N ALA B 123 4.73 -6.84 -21.17
CA ALA B 123 6.10 -6.58 -21.55
C ALA B 123 6.83 -7.86 -21.91
N ALA B 124 6.59 -8.96 -21.18
CA ALA B 124 7.20 -10.24 -21.56
C ALA B 124 6.80 -10.65 -22.97
N LEU B 125 5.53 -10.44 -23.34
CA LEU B 125 5.10 -10.75 -24.69
C LEU B 125 5.83 -9.89 -25.71
N ALA B 126 5.95 -8.59 -25.44
CA ALA B 126 6.69 -7.70 -26.35
C ALA B 126 8.15 -8.11 -26.45
N PHE B 127 8.78 -8.45 -25.32
CA PHE B 127 10.19 -8.81 -25.32
C PHE B 127 10.41 -10.10 -26.11
N HIS B 128 9.52 -11.08 -25.94
CA HIS B 128 9.66 -12.33 -26.67
C HIS B 128 9.43 -12.13 -28.17
N TYR B 129 8.43 -11.33 -28.52
CA TYR B 129 8.23 -10.99 -29.93
C TYR B 129 9.49 -10.33 -30.49
N ALA B 130 10.07 -9.39 -29.75
CA ALA B 130 11.28 -8.72 -30.22
C ALA B 130 12.42 -9.72 -30.43
N TYR B 131 12.61 -10.64 -29.48
CA TYR B 131 13.69 -11.60 -29.62
C TYR B 131 13.54 -12.45 -30.87
N GLU B 132 12.30 -12.81 -31.22
CA GLU B 132 12.01 -13.63 -32.39
C GLU B 132 11.86 -12.84 -33.68
N HIS B 133 11.79 -11.51 -33.61
CA HIS B 133 11.58 -10.65 -34.77
C HIS B 133 12.46 -9.41 -34.62
N GLN B 134 13.77 -9.63 -34.54
CA GLN B 134 14.67 -8.56 -34.16
C GLN B 134 14.74 -7.44 -35.18
N ASP B 135 14.32 -7.70 -36.42
CA ASP B 135 14.26 -6.68 -37.47
C ASP B 135 12.93 -5.94 -37.52
N ARG B 136 12.01 -6.19 -36.58
CA ARG B 136 10.69 -5.58 -36.61
C ARG B 136 10.47 -4.56 -35.49
N ILE B 137 11.53 -4.12 -34.80
CA ILE B 137 11.39 -3.39 -33.54
C ILE B 137 11.99 -2.00 -33.70
N LYS B 138 11.15 -0.97 -33.55
CA LYS B 138 11.60 0.41 -33.58
C LYS B 138 12.02 0.93 -32.21
N ALA B 139 11.28 0.57 -31.17
CA ALA B 139 11.54 1.03 -29.79
C ALA B 139 10.68 0.21 -28.86
N ILE B 140 11.07 0.17 -27.58
CA ILE B 140 10.31 -0.54 -26.55
C ILE B 140 10.20 0.33 -25.30
N VAL B 141 8.97 0.55 -24.85
CA VAL B 141 8.66 1.13 -23.55
C VAL B 141 8.24 -0.01 -22.63
N HIS B 142 8.77 -0.06 -21.40
CA HIS B 142 8.32 -1.09 -20.47
C HIS B 142 8.21 -0.53 -19.06
N MET B 143 7.43 -1.23 -18.24
CA MET B 143 7.13 -0.77 -16.89
C MET B 143 6.61 -1.97 -16.09
N GLU B 144 6.99 -2.04 -14.81
CA GLU B 144 6.55 -3.13 -13.92
C GLU B 144 6.61 -4.47 -14.63
N SER B 145 7.73 -4.70 -15.30
CA SER B 145 7.89 -5.68 -16.37
C SER B 145 8.69 -6.89 -15.93
N VAL B 146 8.53 -7.98 -16.68
CA VAL B 146 9.29 -9.20 -16.48
C VAL B 146 10.64 -9.07 -17.20
N VAL B 147 11.63 -8.50 -16.51
CA VAL B 147 12.89 -8.17 -17.20
C VAL B 147 13.86 -9.35 -17.26
N ASP B 148 13.86 -10.22 -16.27
CA ASP B 148 14.89 -11.27 -16.17
C ASP B 148 14.32 -12.40 -15.33
N VAL B 149 15.04 -13.51 -15.32
CA VAL B 149 14.69 -14.62 -14.44
C VAL B 149 14.99 -14.25 -13.01
N ILE B 150 14.35 -14.96 -12.08
CA ILE B 150 14.40 -14.65 -10.66
C ILE B 150 15.14 -15.77 -9.93
N GLU B 151 16.30 -15.45 -9.38
CA GLU B 151 17.02 -16.41 -8.54
C GLU B 151 16.51 -16.34 -7.11
N SER B 152 16.81 -17.39 -6.34
CA SER B 152 16.36 -17.45 -4.95
C SER B 152 16.92 -16.32 -4.11
N TRP B 153 18.08 -15.77 -4.50
CA TRP B 153 18.67 -14.66 -3.77
C TRP B 153 18.24 -13.30 -4.27
N ASP B 154 17.32 -13.24 -5.23
CA ASP B 154 16.91 -11.95 -5.80
C ASP B 154 15.81 -11.32 -4.99
N GLU B 155 15.92 -10.00 -4.79
CA GLU B 155 14.83 -9.23 -4.19
C GLU B 155 13.58 -9.36 -5.04
N TRP B 156 12.45 -9.59 -4.39
CA TRP B 156 11.17 -9.75 -5.07
C TRP B 156 10.07 -9.49 -4.06
N PRO B 157 8.95 -8.90 -4.48
CA PRO B 157 7.85 -8.65 -3.53
C PRO B 157 7.08 -9.92 -3.21
N ASP B 162 2.78 -16.35 -1.10
CA ASP B 162 1.64 -16.62 -1.98
C ASP B 162 2.09 -17.35 -3.23
N ILE B 163 3.40 -17.44 -3.43
CA ILE B 163 3.96 -18.10 -4.62
C ILE B 163 3.52 -19.55 -4.67
N ALA B 164 3.83 -20.31 -3.62
CA ALA B 164 3.47 -21.72 -3.58
C ALA B 164 1.97 -21.93 -3.40
N LEU B 165 1.27 -20.97 -2.81
CA LEU B 165 -0.18 -21.06 -2.73
C LEU B 165 -0.81 -21.09 -4.11
N ILE B 166 -0.42 -20.13 -4.96
CA ILE B 166 -1.01 -20.02 -6.29
C ILE B 166 -0.66 -21.21 -7.15
N LYS B 167 0.56 -21.75 -7.01
CA LYS B 167 0.95 -22.90 -7.80
C LYS B 167 0.30 -24.20 -7.30
N SER B 168 -0.18 -24.22 -6.06
CA SER B 168 -0.84 -25.39 -5.51
C SER B 168 -2.30 -25.42 -5.95
N GLU B 169 -3.01 -26.49 -5.56
CA GLU B 169 -4.43 -26.60 -5.89
C GLU B 169 -5.26 -25.55 -5.17
N GLU B 170 -4.72 -24.93 -4.11
CA GLU B 170 -5.39 -23.80 -3.49
C GLU B 170 -5.44 -22.59 -4.41
N GLY B 171 -4.58 -22.54 -5.43
CA GLY B 171 -4.67 -21.45 -6.39
C GLY B 171 -5.95 -21.48 -7.19
N GLU B 172 -6.43 -22.68 -7.53
CA GLU B 172 -7.72 -22.80 -8.19
C GLU B 172 -8.83 -22.20 -7.34
N LYS B 173 -8.78 -22.43 -6.02
CA LYS B 173 -9.78 -21.87 -5.12
C LYS B 173 -9.66 -20.36 -5.03
N MET B 174 -8.44 -19.86 -4.80
CA MET B 174 -8.25 -18.42 -4.67
C MET B 174 -8.70 -17.68 -5.91
N VAL B 175 -8.38 -18.22 -7.09
CA VAL B 175 -8.59 -17.50 -8.34
C VAL B 175 -9.93 -17.86 -8.97
N LEU B 176 -10.14 -19.14 -9.27
CA LEU B 176 -11.35 -19.53 -9.99
C LEU B 176 -12.60 -19.29 -9.15
N GLU B 177 -12.53 -19.56 -7.84
CA GLU B 177 -13.70 -19.35 -7.02
C GLU B 177 -13.80 -17.93 -6.45
N ASN B 178 -12.68 -17.38 -5.99
CA ASN B 178 -12.69 -16.13 -5.24
C ASN B 178 -12.20 -14.91 -6.03
N ASN B 179 -11.73 -15.09 -7.27
CA ASN B 179 -11.35 -13.97 -8.14
C ASN B 179 -10.24 -13.12 -7.51
N PHE B 180 -9.25 -13.80 -6.93
CA PHE B 180 -8.22 -13.14 -6.13
C PHE B 180 -7.55 -11.97 -6.87
N PHE B 181 -7.22 -12.15 -8.14
CA PHE B 181 -6.44 -11.11 -8.82
C PHE B 181 -7.27 -9.89 -9.14
N VAL B 182 -8.55 -10.06 -9.46
CA VAL B 182 -9.40 -8.92 -9.78
C VAL B 182 -9.97 -8.30 -8.51
N GLU B 183 -10.48 -9.13 -7.60
CA GLU B 183 -11.14 -8.60 -6.41
C GLU B 183 -10.15 -8.10 -5.36
N THR B 184 -8.99 -8.73 -5.22
CA THR B 184 -8.05 -8.39 -4.16
C THR B 184 -6.81 -7.69 -4.66
N VAL B 185 -6.07 -8.29 -5.60
CA VAL B 185 -4.78 -7.74 -5.98
C VAL B 185 -4.94 -6.40 -6.70
N LEU B 186 -5.86 -6.33 -7.66
CA LEU B 186 -6.00 -5.13 -8.47
C LEU B 186 -6.24 -3.87 -7.66
N PRO B 187 -7.28 -3.79 -6.81
CA PRO B 187 -7.45 -2.55 -6.03
C PRO B 187 -6.31 -2.29 -5.05
N SER B 188 -5.68 -3.35 -4.54
CA SER B 188 -4.59 -3.16 -3.60
C SER B 188 -3.36 -2.54 -4.25
N LYS B 189 -3.22 -2.69 -5.58
CA LYS B 189 -2.05 -2.19 -6.30
C LYS B 189 -2.36 -0.97 -7.16
N ILE B 190 -3.45 -0.26 -6.83
CA ILE B 190 -3.75 1.07 -7.34
C ILE B 190 -3.84 1.99 -6.14
N MET B 191 -3.17 3.15 -6.21
CA MET B 191 -3.18 4.05 -5.06
C MET B 191 -4.54 4.71 -4.88
N ARG B 192 -5.10 5.27 -5.94
CA ARG B 192 -6.43 5.86 -5.84
C ARG B 192 -7.49 4.76 -5.71
N LYS B 193 -8.70 5.19 -5.34
CA LYS B 193 -9.85 4.30 -5.33
C LYS B 193 -10.56 4.45 -6.67
N LEU B 194 -10.72 3.35 -7.39
CA LEU B 194 -11.44 3.38 -8.66
C LEU B 194 -12.89 3.75 -8.44
N GLU B 195 -13.45 4.48 -9.39
CA GLU B 195 -14.90 4.67 -9.42
C GLU B 195 -15.57 3.31 -9.61
N PRO B 196 -16.82 3.15 -9.16
CA PRO B 196 -17.49 1.86 -9.34
C PRO B 196 -17.54 1.39 -10.79
N GLU B 197 -17.77 2.31 -11.72
CA GLU B 197 -17.82 1.93 -13.13
C GLU B 197 -16.46 1.48 -13.62
N GLU B 198 -15.38 2.04 -13.06
CA GLU B 198 -14.04 1.64 -13.48
C GLU B 198 -13.69 0.25 -12.99
N PHE B 199 -13.93 -0.03 -11.69
CA PHE B 199 -13.76 -1.39 -11.21
C PHE B 199 -14.64 -2.36 -11.99
N ALA B 200 -15.89 -1.97 -12.28
CA ALA B 200 -16.78 -2.86 -13.01
C ALA B 200 -16.22 -3.27 -14.37
N ALA B 201 -15.49 -2.36 -15.03
CA ALA B 201 -14.88 -2.69 -16.32
C ALA B 201 -13.83 -3.77 -16.18
N TYR B 202 -13.09 -3.79 -15.06
CA TYR B 202 -12.12 -4.86 -14.82
C TYR B 202 -12.80 -6.14 -14.38
N LEU B 203 -13.88 -6.04 -13.60
CA LEU B 203 -14.54 -7.24 -13.13
C LEU B 203 -15.36 -7.95 -14.22
N GLU B 204 -15.95 -7.19 -15.14
CA GLU B 204 -16.91 -7.75 -16.10
C GLU B 204 -16.45 -9.02 -16.78
N PRO B 205 -15.24 -9.10 -17.36
CA PRO B 205 -14.84 -10.35 -18.03
C PRO B 205 -14.81 -11.55 -17.09
N PHE B 206 -14.57 -11.32 -15.80
CA PHE B 206 -14.35 -12.38 -14.82
C PHE B 206 -15.43 -12.38 -13.74
N LYS B 207 -16.63 -11.87 -14.07
CA LYS B 207 -17.65 -11.74 -13.04
C LYS B 207 -18.24 -13.09 -12.64
N GLU B 208 -18.26 -14.05 -13.54
CA GLU B 208 -18.74 -15.39 -13.21
C GLU B 208 -17.63 -16.25 -12.61
N LYS B 209 -18.01 -17.15 -11.73
CA LYS B 209 -17.04 -18.03 -11.09
C LYS B 209 -16.63 -19.15 -12.04
N GLY B 210 -15.43 -19.68 -11.81
CA GLY B 210 -15.00 -20.85 -12.54
C GLY B 210 -13.98 -20.62 -13.65
N GLU B 211 -14.07 -21.44 -14.70
CA GLU B 211 -13.02 -21.56 -15.69
C GLU B 211 -12.78 -20.27 -16.49
N VAL B 212 -13.77 -19.36 -16.54
CA VAL B 212 -13.57 -18.08 -17.22
C VAL B 212 -12.43 -17.28 -16.60
N ARG B 213 -12.11 -17.53 -15.33
CA ARG B 213 -11.04 -16.84 -14.65
C ARG B 213 -9.67 -17.47 -14.87
N ARG B 214 -9.60 -18.55 -15.64
CA ARG B 214 -8.33 -19.26 -15.85
C ARG B 214 -7.16 -18.37 -16.27
N PRO B 215 -7.30 -17.39 -17.17
CA PRO B 215 -6.13 -16.58 -17.53
C PRO B 215 -5.47 -15.90 -16.34
N THR B 216 -6.26 -15.51 -15.34
CA THR B 216 -5.70 -14.83 -14.18
C THR B 216 -4.98 -15.79 -13.22
N LEU B 217 -5.21 -17.09 -13.34
CA LEU B 217 -4.46 -18.09 -12.59
C LEU B 217 -3.25 -18.59 -13.37
N SER B 218 -3.39 -18.72 -14.70
CA SER B 218 -2.28 -19.23 -15.51
C SER B 218 -1.12 -18.24 -15.55
N TRP B 219 -1.41 -16.94 -15.61
CA TRP B 219 -0.34 -15.94 -15.65
C TRP B 219 0.65 -16.07 -14.49
N PRO B 220 0.24 -15.99 -13.22
CA PRO B 220 1.24 -16.07 -12.14
C PRO B 220 1.95 -17.40 -12.10
N ARG B 221 1.31 -18.48 -12.56
CA ARG B 221 1.98 -19.78 -12.64
C ARG B 221 3.10 -19.80 -13.69
N GLU B 222 3.20 -18.78 -14.54
CA GLU B 222 4.29 -18.65 -15.51
C GLU B 222 5.54 -17.96 -14.93
N ILE B 223 5.51 -17.55 -13.67
CA ILE B 223 6.59 -16.75 -13.07
C ILE B 223 7.95 -17.39 -13.33
N PRO B 224 8.94 -16.64 -13.83
CA PRO B 224 10.22 -17.25 -14.26
C PRO B 224 11.20 -17.42 -13.11
N LEU B 225 10.79 -18.18 -12.10
CA LEU B 225 11.67 -18.52 -10.99
C LEU B 225 12.67 -19.57 -11.46
N VAL B 226 13.97 -19.30 -11.27
CA VAL B 226 14.98 -20.27 -11.69
C VAL B 226 14.74 -21.61 -11.00
N LYS B 227 14.41 -21.57 -9.71
CA LYS B 227 14.09 -22.77 -8.96
C LYS B 227 12.58 -22.96 -9.01
N GLY B 228 12.15 -23.98 -9.76
CA GLY B 228 10.75 -24.37 -9.79
C GLY B 228 9.90 -23.70 -10.85
N GLY B 229 10.40 -22.65 -11.50
CA GLY B 229 9.62 -22.02 -12.55
C GLY B 229 9.51 -22.89 -13.79
N LYS B 230 8.48 -22.62 -14.59
CA LYS B 230 8.27 -23.35 -15.83
C LYS B 230 9.51 -23.28 -16.70
N PRO B 231 10.16 -24.40 -17.02
CA PRO B 231 11.43 -24.33 -17.78
C PRO B 231 11.33 -23.63 -19.11
N ASP B 232 10.21 -23.75 -19.82
CA ASP B 232 10.09 -23.08 -21.11
C ASP B 232 10.05 -21.56 -20.94
N VAL B 233 9.34 -21.08 -19.93
CA VAL B 233 9.29 -19.63 -19.70
C VAL B 233 10.64 -19.12 -19.24
N VAL B 234 11.29 -19.84 -18.32
CA VAL B 234 12.63 -19.45 -17.88
C VAL B 234 13.56 -19.30 -19.07
N GLN B 235 13.52 -20.24 -20.01
CA GLN B 235 14.38 -20.14 -21.19
C GLN B 235 13.99 -18.95 -22.06
N ILE B 236 12.69 -18.72 -22.22
CA ILE B 236 12.22 -17.58 -23.02
C ILE B 236 12.76 -16.28 -22.45
N VAL B 237 12.71 -16.13 -21.12
CA VAL B 237 13.15 -14.92 -20.47
C VAL B 237 14.67 -14.78 -20.54
N ARG B 238 15.40 -15.89 -20.31
CA ARG B 238 16.84 -15.85 -20.49
C ARG B 238 17.21 -15.40 -21.89
N ASN B 239 16.52 -15.95 -22.90
CA ASN B 239 16.83 -15.62 -24.28
C ASN B 239 16.59 -14.14 -24.56
N TYR B 240 15.41 -13.63 -24.18
CA TYR B 240 15.14 -12.24 -24.51
C TYR B 240 15.94 -11.29 -23.65
N ASN B 241 16.28 -11.70 -22.41
CA ASN B 241 17.13 -10.84 -21.59
C ASN B 241 18.51 -10.65 -22.20
N ALA B 242 19.11 -11.73 -22.72
CA ALA B 242 20.42 -11.62 -23.36
C ALA B 242 20.35 -10.73 -24.59
N TYR B 243 19.27 -10.87 -25.37
CA TYR B 243 19.09 -10.03 -26.53
C TYR B 243 18.94 -8.56 -26.13
N LEU B 244 18.14 -8.28 -25.10
CA LEU B 244 17.93 -6.90 -24.68
C LEU B 244 19.22 -6.28 -24.16
N ARG B 245 20.05 -7.07 -23.47
CA ARG B 245 21.30 -6.54 -22.95
C ARG B 245 22.26 -6.16 -24.07
N ALA B 246 22.13 -6.78 -25.25
CA ALA B 246 23.01 -6.51 -26.38
C ALA B 246 22.45 -5.51 -27.36
N SER B 247 21.24 -4.99 -27.14
CA SER B 247 20.52 -4.22 -28.16
C SER B 247 20.85 -2.72 -28.07
N ASP B 248 22.13 -2.39 -28.28
CA ASP B 248 22.59 -1.02 -28.12
C ASP B 248 21.87 -0.06 -29.06
N ASP B 249 21.45 -0.56 -30.23
CA ASP B 249 20.82 0.25 -31.27
C ASP B 249 19.33 0.45 -31.07
N LEU B 250 18.73 -0.18 -30.06
CA LEU B 250 17.29 -0.19 -29.90
C LEU B 250 16.90 0.78 -28.79
N PRO B 251 16.30 1.93 -29.11
CA PRO B 251 15.90 2.87 -28.05
C PRO B 251 14.81 2.30 -27.15
N LYS B 252 14.95 2.56 -25.86
CA LYS B 252 14.04 2.04 -24.84
C LYS B 252 13.69 3.14 -23.85
N LEU B 253 12.51 3.00 -23.25
CA LEU B 253 12.04 3.86 -22.18
C LEU B 253 11.56 2.97 -21.04
N PHE B 254 12.08 3.17 -19.84
CA PHE B 254 11.60 2.45 -18.67
C PHE B 254 10.86 3.42 -17.78
N ILE B 255 9.61 3.11 -17.46
CA ILE B 255 8.78 3.95 -16.61
C ILE B 255 8.76 3.29 -15.24
N GLU B 256 9.47 3.89 -14.30
CA GLU B 256 9.52 3.40 -12.94
C GLU B 256 8.31 3.90 -12.16
N SER B 257 7.73 3.01 -11.35
CA SER B 257 6.62 3.34 -10.48
C SER B 257 7.15 3.51 -9.06
N ASP B 258 6.72 4.57 -8.37
CA ASP B 258 7.22 4.90 -7.03
C ASP B 258 6.05 5.00 -6.06
N PRO B 259 5.96 4.15 -5.03
CA PRO B 259 6.97 3.17 -4.64
C PRO B 259 7.00 1.91 -5.50
N GLY B 260 5.98 1.74 -6.36
CA GLY B 260 5.93 0.59 -7.23
C GLY B 260 5.54 -0.69 -6.52
N PHE B 261 5.43 -1.76 -7.31
CA PHE B 261 5.30 -3.11 -6.77
C PHE B 261 6.50 -3.95 -7.16
N PHE B 262 6.74 -4.16 -8.45
CA PHE B 262 7.94 -4.83 -8.93
C PHE B 262 9.07 -3.85 -9.25
N SER B 263 8.79 -2.54 -9.33
CA SER B 263 9.79 -1.59 -9.82
C SER B 263 11.08 -1.67 -9.03
N ASN B 264 10.99 -1.71 -7.69
CA ASN B 264 12.21 -1.71 -6.90
C ASN B 264 13.09 -2.91 -7.22
N ALA B 265 12.49 -4.07 -7.45
CA ALA B 265 13.23 -5.29 -7.70
C ALA B 265 13.79 -5.38 -9.12
N ILE B 266 13.19 -4.67 -10.08
CA ILE B 266 13.59 -4.82 -11.48
C ILE B 266 14.43 -3.68 -12.02
N VAL B 267 14.54 -2.56 -11.31
CA VAL B 267 15.18 -1.39 -11.92
C VAL B 267 16.64 -1.67 -12.27
N GLU B 268 17.38 -2.37 -11.39
CA GLU B 268 18.77 -2.68 -11.73
C GLU B 268 18.86 -3.59 -12.94
N GLY B 269 17.91 -4.52 -13.08
CA GLY B 269 17.85 -5.32 -14.29
C GLY B 269 17.53 -4.51 -15.52
N ALA B 270 16.61 -3.55 -15.40
CA ALA B 270 16.31 -2.67 -16.53
C ALA B 270 17.52 -1.83 -16.94
N LYS B 271 18.39 -1.51 -15.99
CA LYS B 271 19.59 -0.75 -16.30
C LYS B 271 20.62 -1.55 -17.09
N LYS B 272 20.49 -2.87 -17.13
CA LYS B 272 21.37 -3.69 -17.96
C LYS B 272 21.04 -3.61 -19.45
N PHE B 273 19.89 -3.02 -19.80
CA PHE B 273 19.54 -2.87 -21.20
C PHE B 273 20.07 -1.53 -21.70
N PRO B 274 21.01 -1.50 -22.62
CA PRO B 274 21.56 -0.23 -23.09
C PRO B 274 20.51 0.59 -23.83
N ASN B 275 20.78 1.89 -23.95
CA ASN B 275 19.94 2.82 -24.70
C ASN B 275 18.56 2.96 -24.05
N THR B 276 18.53 3.01 -22.71
CA THR B 276 17.29 3.17 -21.96
C THR B 276 17.23 4.55 -21.33
N GLU B 277 16.14 5.26 -21.60
CA GLU B 277 15.78 6.47 -20.90
C GLU B 277 14.92 6.10 -19.71
N PHE B 278 15.21 6.68 -18.55
CA PHE B 278 14.50 6.37 -17.31
C PHE B 278 13.65 7.56 -16.88
N VAL B 279 12.38 7.28 -16.59
CA VAL B 279 11.47 8.26 -16.01
C VAL B 279 10.77 7.58 -14.83
N LYS B 280 10.10 8.40 -14.01
CA LYS B 280 9.48 7.94 -12.79
C LYS B 280 8.15 8.64 -12.56
N VAL B 281 7.14 7.85 -12.18
CA VAL B 281 5.82 8.36 -11.84
C VAL B 281 5.36 7.73 -10.53
N LYS B 282 4.38 8.36 -9.89
CA LYS B 282 3.79 7.82 -8.68
C LYS B 282 2.88 6.63 -9.02
N GLY B 283 2.99 5.57 -8.23
CA GLY B 283 2.14 4.42 -8.46
C GLY B 283 2.59 3.20 -7.69
N LEU B 284 1.78 2.15 -7.80
CA LEU B 284 2.15 0.82 -7.32
C LEU B 284 2.35 -0.08 -8.52
N HIS B 285 1.52 -1.11 -8.69
CA HIS B 285 1.69 -1.94 -9.88
C HIS B 285 0.96 -1.40 -11.10
N PHE B 286 -0.33 -1.08 -10.96
CA PHE B 286 -1.14 -0.61 -12.09
C PHE B 286 -1.02 0.91 -12.23
N LEU B 287 0.21 1.34 -12.54
CA LEU B 287 0.56 2.76 -12.51
C LEU B 287 -0.23 3.59 -13.50
N GLN B 288 -0.77 2.97 -14.55
CA GLN B 288 -1.64 3.69 -15.48
C GLN B 288 -2.83 4.33 -14.78
N GLU B 289 -3.28 3.75 -13.66
CA GLU B 289 -4.43 4.29 -12.96
C GLU B 289 -4.06 5.45 -12.04
N ASP B 290 -2.77 5.63 -11.75
CA ASP B 290 -2.33 6.67 -10.85
C ASP B 290 -1.61 7.82 -11.53
N ALA B 291 -1.03 7.60 -12.72
CA ALA B 291 -0.31 8.67 -13.40
C ALA B 291 -0.48 8.58 -14.92
N PRO B 292 -1.71 8.47 -15.42
CA PRO B 292 -1.86 8.24 -16.88
C PRO B 292 -1.38 9.40 -17.71
N ASP B 293 -1.60 10.64 -17.27
CA ASP B 293 -1.23 11.78 -18.10
C ASP B 293 0.28 12.02 -18.10
N GLU B 294 0.94 11.86 -16.95
CA GLU B 294 2.40 11.91 -16.95
C GLU B 294 2.98 10.81 -17.82
N MET B 295 2.43 9.59 -17.72
N MET B 295 2.44 9.59 -17.72
CA MET B 295 2.92 8.49 -18.55
CA MET B 295 2.91 8.48 -18.54
C MET B 295 2.73 8.78 -20.02
C MET B 295 2.73 8.78 -20.02
N GLY B 296 1.55 9.27 -20.40
CA GLY B 296 1.29 9.56 -21.79
C GLY B 296 2.22 10.63 -22.36
N LYS B 297 2.49 11.68 -21.57
CA LYS B 297 3.41 12.71 -22.01
C LYS B 297 4.83 12.19 -22.14
N TYR B 298 5.29 11.37 -21.18
CA TYR B 298 6.62 10.77 -21.29
C TYR B 298 6.72 9.87 -22.52
N ILE B 299 5.70 9.06 -22.77
CA ILE B 299 5.75 8.17 -23.95
C ILE B 299 5.70 8.99 -25.24
N LYS B 300 4.85 10.02 -25.29
CA LYS B 300 4.76 10.83 -26.50
C LYS B 300 6.10 11.46 -26.84
N SER B 301 6.76 12.06 -25.84
CA SER B 301 8.05 12.70 -26.08
C SER B 301 9.10 11.69 -26.52
N PHE B 302 9.11 10.51 -25.92
CA PHE B 302 10.02 9.44 -26.32
C PHE B 302 9.78 9.04 -27.77
N VAL B 303 8.52 8.78 -28.14
CA VAL B 303 8.21 8.40 -29.51
C VAL B 303 8.62 9.49 -30.50
N GLU B 304 8.33 10.75 -30.17
CA GLU B 304 8.72 11.86 -31.05
C GLU B 304 10.23 11.91 -31.25
N ARG B 305 10.99 11.70 -30.17
N ARG B 305 11.00 11.73 -30.16
CA ARG B 305 12.44 11.75 -30.25
CA ARG B 305 12.45 11.76 -30.28
C ARG B 305 12.99 10.57 -31.05
C ARG B 305 12.94 10.59 -31.13
N VAL B 306 12.37 9.41 -30.93
CA VAL B 306 12.78 8.25 -31.71
C VAL B 306 12.53 8.48 -33.19
N LEU B 307 11.36 9.03 -33.54
CA LEU B 307 11.06 9.28 -34.94
C LEU B 307 11.90 10.41 -35.51
N LYS B 308 12.18 11.43 -34.70
CA LYS B 308 13.02 12.54 -35.15
C LYS B 308 14.43 12.07 -35.48
N ASN B 309 15.01 11.24 -34.61
CA ASN B 309 16.35 10.74 -34.81
C ASN B 309 16.40 9.70 -35.93
#